data_2MQ4
#
_entry.id   2MQ4
#
_entity_poly.entity_id   1
_entity_poly.type   'polypeptide(L)'
_entity_poly.pdbx_seq_one_letter_code
;RLYRRRFVVGR
;
_entity_poly.pdbx_strand_id   A
#
# COMPACT_ATOMS: atom_id res chain seq x y z
N ARG A 1 -3.45 -0.87 6.50
CA ARG A 1 -2.51 -0.16 5.65
C ARG A 1 -1.69 -1.13 4.82
N LEU A 2 -2.32 -2.22 4.40
CA LEU A 2 -1.64 -3.24 3.60
C LEU A 2 -2.09 -3.16 2.14
N TYR A 3 -2.02 -1.98 1.56
CA TYR A 3 -2.42 -1.78 0.17
C TYR A 3 -1.47 -0.84 -0.55
N ARG A 4 -0.79 -1.35 -1.58
CA ARG A 4 0.15 -0.55 -2.35
C ARG A 4 -0.58 0.44 -3.25
N ARG A 5 -1.66 1.01 -2.73
CA ARG A 5 -2.46 1.97 -3.50
C ARG A 5 -1.68 3.27 -3.69
N ARG A 6 -1.07 3.77 -2.62
CA ARG A 6 -0.30 5.01 -2.69
C ARG A 6 1.11 4.74 -3.19
N PHE A 7 1.85 3.93 -2.44
CA PHE A 7 3.23 3.60 -2.83
C PHE A 7 3.49 2.10 -2.66
N VAL A 8 3.73 1.69 -1.42
CA VAL A 8 3.99 0.28 -1.12
C VAL A 8 3.15 -0.20 0.06
N VAL A 9 2.24 0.66 0.52
CA VAL A 9 1.36 0.32 1.64
C VAL A 9 0.82 -1.09 1.49
N GLY A 10 1.14 -1.74 0.38
CA GLY A 10 0.66 -3.09 0.14
C GLY A 10 0.69 -3.94 1.39
N ARG A 11 1.56 -3.58 2.33
CA ARG A 11 1.69 -4.32 3.58
C ARG A 11 1.57 -3.38 4.78
N ARG A 1 -3.59 -0.35 6.21
CA ARG A 1 -2.61 0.29 5.35
C ARG A 1 -1.80 -0.76 4.57
N LEU A 2 -2.47 -1.84 4.17
CA LEU A 2 -1.81 -2.91 3.42
C LEU A 2 -2.22 -2.88 1.96
N TYR A 3 -2.12 -1.71 1.34
CA TYR A 3 -2.48 -1.55 -0.07
C TYR A 3 -1.50 -0.62 -0.78
N ARG A 4 -0.81 -1.16 -1.77
CA ARG A 4 0.16 -0.39 -2.55
C ARG A 4 -0.55 0.59 -3.48
N ARG A 5 -1.65 1.17 -3.01
CA ARG A 5 -2.42 2.12 -3.80
C ARG A 5 -1.63 3.41 -4.01
N ARG A 6 -1.05 3.93 -2.93
CA ARG A 6 -0.28 5.16 -2.99
C ARG A 6 1.14 4.89 -3.47
N PHE A 7 1.87 4.09 -2.69
CA PHE A 7 3.25 3.74 -3.03
C PHE A 7 3.50 2.25 -2.82
N VAL A 8 3.71 1.87 -1.56
CA VAL A 8 3.96 0.47 -1.23
C VAL A 8 3.09 0.02 -0.07
N VAL A 9 2.18 0.88 0.35
CA VAL A 9 1.28 0.57 1.46
C VAL A 9 0.73 -0.85 1.33
N GLY A 10 1.06 -1.51 0.23
CA GLY A 10 0.59 -2.86 0.01
C GLY A 10 0.59 -3.69 1.29
N ARG A 11 1.44 -3.32 2.24
CA ARG A 11 1.52 -4.03 3.50
C ARG A 11 1.38 -3.06 4.68
N ARG A 1 -3.69 -0.83 6.31
CA ARG A 1 -2.69 -0.13 5.51
C ARG A 1 -1.88 -1.11 4.67
N LEU A 2 -2.52 -2.19 4.24
CA LEU A 2 -1.86 -3.20 3.43
C LEU A 2 -2.31 -3.11 1.97
N TYR A 3 -2.22 -1.92 1.40
CA TYR A 3 -2.61 -1.70 0.01
C TYR A 3 -1.63 -0.76 -0.69
N ARG A 4 -0.97 -1.28 -1.72
CA ARG A 4 0.00 -0.49 -2.48
C ARG A 4 -0.71 0.52 -3.37
N ARG A 5 -1.80 1.11 -2.86
CA ARG A 5 -2.56 2.09 -3.61
C ARG A 5 -1.76 3.38 -3.80
N ARG A 6 -1.16 3.85 -2.72
CA ARG A 6 -0.37 5.07 -2.76
C ARG A 6 1.04 4.79 -3.27
N PHE A 7 1.77 3.97 -2.53
CA PHE A 7 3.14 3.61 -2.90
C PHE A 7 3.38 2.12 -2.75
N VAL A 8 3.60 1.68 -1.51
CA VAL A 8 3.84 0.27 -1.23
C VAL A 8 2.99 -0.21 -0.06
N VAL A 9 2.09 0.66 0.41
CA VAL A 9 1.21 0.33 1.51
C VAL A 9 0.65 -1.08 1.36
N GLY A 10 0.95 -1.72 0.23
CA GLY A 10 0.46 -3.06 -0.01
C GLY A 10 0.47 -3.92 1.23
N ARG A 11 1.34 -3.58 2.18
CA ARG A 11 1.46 -4.33 3.42
C ARG A 11 1.34 -3.42 4.63
N ARG A 1 -3.59 -0.18 6.31
CA ARG A 1 -2.61 0.41 5.40
C ARG A 1 -1.86 -0.67 4.64
N LEU A 2 -2.55 -1.75 4.28
CA LEU A 2 -1.94 -2.86 3.55
C LEU A 2 -2.39 -2.86 2.10
N TYR A 3 -2.28 -1.71 1.45
CA TYR A 3 -2.67 -1.58 0.04
C TYR A 3 -1.68 -0.71 -0.72
N ARG A 4 -1.03 -1.29 -1.72
CA ARG A 4 -0.07 -0.55 -2.53
C ARG A 4 -0.77 0.41 -3.48
N ARG A 5 -1.85 1.03 -3.00
CA ARG A 5 -2.61 1.97 -3.80
C ARG A 5 -1.80 3.24 -4.07
N ARG A 6 -1.19 3.77 -3.02
CA ARG A 6 -0.38 4.98 -3.15
C ARG A 6 1.03 4.66 -3.64
N PHE A 7 1.75 3.87 -2.86
CA PHE A 7 3.12 3.47 -3.22
C PHE A 7 3.34 1.99 -2.97
N VAL A 8 3.56 1.62 -1.71
CA VAL A 8 3.79 0.24 -1.34
C VAL A 8 2.93 -0.16 -0.15
N VAL A 9 2.05 0.74 0.27
CA VAL A 9 1.18 0.48 1.41
C VAL A 9 0.59 -0.92 1.34
N GLY A 10 0.88 -1.63 0.25
CA GLY A 10 0.37 -2.98 0.09
C GLY A 10 0.37 -3.76 1.39
N ARG A 11 1.26 -3.38 2.30
CA ARG A 11 1.36 -4.06 3.59
C ARG A 11 1.27 -3.06 4.74
N ARG A 1 -3.45 -0.09 6.42
CA ARG A 1 -2.51 0.56 5.48
C ARG A 1 -1.75 -0.49 4.67
N LEU A 2 -2.44 -1.56 4.31
CA LEU A 2 -1.82 -2.63 3.53
C LEU A 2 -2.32 -2.61 2.09
N TYR A 3 -2.20 -1.44 1.46
CA TYR A 3 -2.64 -1.27 0.07
C TYR A 3 -1.66 -0.40 -0.71
N ARG A 4 -1.04 -0.98 -1.73
CA ARG A 4 -0.08 -0.25 -2.55
C ARG A 4 -0.79 0.74 -3.47
N ARG A 5 -1.84 1.38 -2.96
CA ARG A 5 -2.60 2.33 -3.73
C ARG A 5 -1.78 3.59 -4.00
N ARG A 6 -1.14 4.11 -2.96
CA ARG A 6 -0.32 5.31 -3.09
C ARG A 6 1.07 4.97 -3.62
N PHE A 7 1.81 4.16 -2.86
CA PHE A 7 3.15 3.75 -3.26
C PHE A 7 3.35 2.25 -3.03
N VAL A 8 3.61 1.88 -1.79
CA VAL A 8 3.82 0.48 -1.44
C VAL A 8 2.99 0.08 -0.23
N VAL A 9 2.13 0.98 0.22
CA VAL A 9 1.27 0.72 1.37
C VAL A 9 0.66 -0.68 1.30
N GLY A 10 0.92 -1.37 0.19
CA GLY A 10 0.39 -2.71 0.02
C GLY A 10 0.42 -3.51 1.31
N ARG A 11 1.32 -3.16 2.20
CA ARG A 11 1.46 -3.85 3.48
C ARG A 11 1.40 -2.87 4.65
N ARG A 1 -3.06 -0.31 6.52
CA ARG A 1 -2.13 0.27 5.57
C ARG A 1 -1.48 -0.80 4.71
N LEU A 2 -2.26 -1.81 4.35
CA LEU A 2 -1.75 -2.90 3.53
C LEU A 2 -2.31 -2.81 2.10
N TYR A 3 -2.18 -1.64 1.50
CA TYR A 3 -2.67 -1.42 0.14
C TYR A 3 -1.71 -0.55 -0.66
N ARG A 4 -1.17 -1.11 -1.73
CA ARG A 4 -0.23 -0.39 -2.57
C ARG A 4 -0.94 0.66 -3.41
N ARG A 5 -1.96 1.31 -2.83
CA ARG A 5 -2.72 2.32 -3.52
C ARG A 5 -1.88 3.56 -3.79
N ARG A 6 -1.16 4.01 -2.77
CA ARG A 6 -0.31 5.19 -2.89
C ARG A 6 1.04 4.82 -3.51
N PHE A 7 1.78 3.97 -2.82
CA PHE A 7 3.08 3.53 -3.30
C PHE A 7 3.26 2.03 -3.14
N VAL A 8 3.55 1.60 -1.92
CA VAL A 8 3.75 0.18 -1.64
C VAL A 8 2.97 -0.24 -0.40
N VAL A 9 2.16 0.68 0.13
CA VAL A 9 1.35 0.40 1.30
C VAL A 9 0.69 -0.97 1.21
N GLY A 10 0.87 -1.64 0.08
CA GLY A 10 0.29 -2.95 -0.11
C GLY A 10 0.35 -3.80 1.13
N ARG A 11 1.32 -3.51 2.00
CA ARG A 11 1.48 -4.25 3.25
C ARG A 11 1.52 -3.31 4.44
N ARG A 1 -3.21 0.29 6.47
CA ARG A 1 -2.25 0.82 5.51
C ARG A 1 -1.58 -0.30 4.72
N LEU A 2 -2.35 -1.33 4.40
CA LEU A 2 -1.84 -2.46 3.64
C LEU A 2 -2.36 -2.44 2.21
N TYR A 3 -2.22 -1.30 1.55
CA TYR A 3 -2.68 -1.15 0.17
C TYR A 3 -1.69 -0.32 -0.65
N ARG A 4 -1.13 -0.94 -1.68
CA ARG A 4 -0.16 -0.27 -2.54
C ARG A 4 -0.86 0.74 -3.45
N ARG A 5 -1.88 1.41 -2.92
CA ARG A 5 -2.62 2.40 -3.68
C ARG A 5 -1.77 3.62 -4.00
N ARG A 6 -1.07 4.12 -2.99
CA ARG A 6 -0.20 5.29 -3.14
C ARG A 6 1.15 4.88 -3.72
N PHE A 7 1.88 4.05 -2.97
CA PHE A 7 3.20 3.60 -3.40
C PHE A 7 3.35 2.09 -3.15
N VAL A 8 3.62 1.72 -1.91
CA VAL A 8 3.79 0.32 -1.55
C VAL A 8 2.98 -0.03 -0.31
N VAL A 9 2.17 0.92 0.15
CA VAL A 9 1.33 0.71 1.33
C VAL A 9 0.67 -0.66 1.29
N GLY A 10 0.87 -1.39 0.20
CA GLY A 10 0.29 -2.70 0.06
C GLY A 10 0.31 -3.49 1.36
N ARG A 11 1.25 -3.16 2.23
CA ARG A 11 1.39 -3.84 3.51
C ARG A 11 1.40 -2.84 4.65
N ARG A 1 -3.69 -0.03 6.39
CA ARG A 1 -2.71 0.52 5.46
C ARG A 1 -1.94 -0.59 4.75
N LEU A 2 -2.65 -1.67 4.41
CA LEU A 2 -2.03 -2.80 3.74
C LEU A 2 -2.45 -2.86 2.26
N TYR A 3 -2.32 -1.73 1.58
CA TYR A 3 -2.69 -1.65 0.18
C TYR A 3 -1.69 -0.80 -0.61
N ARG A 4 -1.03 -1.42 -1.58
CA ARG A 4 -0.04 -0.72 -2.40
C ARG A 4 -0.73 0.21 -3.39
N ARG A 5 -1.80 0.86 -2.95
CA ARG A 5 -2.55 1.77 -3.80
C ARG A 5 -1.72 3.03 -4.10
N ARG A 6 -1.13 3.60 -3.06
CA ARG A 6 -0.32 4.80 -3.20
C ARG A 6 1.10 4.45 -3.66
N PHE A 7 1.80 3.68 -2.84
CA PHE A 7 3.17 3.29 -3.17
C PHE A 7 3.39 1.80 -2.87
N VAL A 8 3.58 1.48 -1.59
CA VAL A 8 3.79 0.10 -1.17
C VAL A 8 2.92 -0.26 0.02
N VAL A 9 2.04 0.67 0.39
CA VAL A 9 1.14 0.45 1.52
C VAL A 9 0.54 -0.96 1.49
N GLY A 10 0.85 -1.70 0.44
CA GLY A 10 0.35 -3.05 0.31
C GLY A 10 0.32 -3.79 1.64
N ARG A 11 1.18 -3.38 2.55
CA ARG A 11 1.26 -4.01 3.86
C ARG A 11 1.17 -2.97 4.97
N ARG A 1 -3.04 -0.41 6.32
CA ARG A 1 -2.08 0.19 5.39
C ARG A 1 -1.42 -0.88 4.53
N LEU A 2 -2.19 -1.89 4.15
CA LEU A 2 -1.69 -2.98 3.32
C LEU A 2 -2.22 -2.87 1.90
N TYR A 3 -2.07 -1.70 1.31
CA TYR A 3 -2.55 -1.46 -0.05
C TYR A 3 -1.56 -0.58 -0.83
N ARG A 4 -1.00 -1.14 -1.89
CA ARG A 4 -0.04 -0.40 -2.72
C ARG A 4 -0.75 0.65 -3.56
N ARG A 5 -1.76 1.29 -2.98
CA ARG A 5 -2.51 2.33 -3.68
C ARG A 5 -1.65 3.56 -3.91
N ARG A 6 -0.95 4.00 -2.88
CA ARG A 6 -0.09 5.17 -2.96
C ARG A 6 1.26 4.81 -3.57
N PHE A 7 1.99 3.94 -2.89
CA PHE A 7 3.30 3.50 -3.34
C PHE A 7 3.46 1.99 -3.21
N VAL A 8 3.74 1.55 -1.99
CA VAL A 8 3.91 0.12 -1.72
C VAL A 8 3.11 -0.31 -0.49
N VAL A 9 2.30 0.61 0.03
CA VAL A 9 1.47 0.32 1.20
C VAL A 9 0.81 -1.05 1.08
N GLY A 10 1.00 -1.69 -0.06
CA GLY A 10 0.42 -3.01 -0.28
C GLY A 10 0.44 -3.87 0.97
N ARG A 11 1.40 -3.59 1.85
CA ARG A 11 1.54 -4.35 3.08
C ARG A 11 1.57 -3.42 4.29
N ARG A 1 -3.43 -0.95 6.40
CA ARG A 1 -2.39 -0.28 5.64
C ARG A 1 -1.65 -1.26 4.74
N LEU A 2 -2.37 -2.27 4.26
CA LEU A 2 -1.78 -3.28 3.39
C LEU A 2 -2.26 -3.11 1.95
N TYR A 3 -2.14 -1.89 1.44
CA TYR A 3 -2.55 -1.59 0.07
C TYR A 3 -1.56 -0.66 -0.61
N ARG A 4 -0.91 -1.15 -1.66
CA ARG A 4 0.07 -0.37 -2.39
C ARG A 4 -0.62 0.66 -3.29
N ARG A 5 -1.63 1.32 -2.74
CA ARG A 5 -2.38 2.34 -3.48
C ARG A 5 -1.55 3.61 -3.63
N ARG A 6 -0.96 4.06 -2.52
CA ARG A 6 -0.15 5.27 -2.54
C ARG A 6 1.26 4.98 -3.01
N PHE A 7 1.96 4.10 -2.29
CA PHE A 7 3.32 3.72 -2.65
C PHE A 7 3.51 2.22 -2.58
N VAL A 8 3.72 1.71 -1.37
CA VAL A 8 3.92 0.28 -1.17
C VAL A 8 3.07 -0.24 -0.01
N VAL A 9 2.19 0.62 0.50
CA VAL A 9 1.32 0.26 1.60
C VAL A 9 0.72 -1.13 1.40
N GLY A 10 0.99 -1.71 0.24
CA GLY A 10 0.48 -3.04 -0.06
C GLY A 10 0.50 -3.95 1.15
N ARG A 11 1.39 -3.68 2.09
CA ARG A 11 1.51 -4.48 3.30
C ARG A 11 1.44 -3.60 4.54
N ARG A 1 -3.25 -0.81 6.48
CA ARG A 1 -2.34 -0.12 5.59
C ARG A 1 -1.63 -1.10 4.66
N LEU A 2 -2.36 -2.12 4.22
CA LEU A 2 -1.81 -3.12 3.32
C LEU A 2 -2.34 -2.95 1.90
N TYR A 3 -2.24 -1.74 1.38
CA TYR A 3 -2.71 -1.43 0.04
C TYR A 3 -1.74 -0.50 -0.68
N ARG A 4 -1.13 -1.00 -1.76
CA ARG A 4 -0.18 -0.21 -2.54
C ARG A 4 -0.91 0.82 -3.39
N ARG A 5 -1.89 1.48 -2.80
CA ARG A 5 -2.67 2.49 -3.51
C ARG A 5 -1.86 3.77 -3.70
N ARG A 6 -1.23 4.23 -2.62
CA ARG A 6 -0.42 5.44 -2.65
C ARG A 6 0.97 5.14 -3.19
N PHE A 7 1.70 4.27 -2.49
CA PHE A 7 3.05 3.90 -2.90
C PHE A 7 3.25 2.39 -2.84
N VAL A 8 3.51 1.88 -1.64
CA VAL A 8 3.71 0.45 -1.44
C VAL A 8 2.90 -0.06 -0.26
N VAL A 9 2.05 0.79 0.29
CA VAL A 9 1.22 0.43 1.43
C VAL A 9 0.61 -0.97 1.24
N GLY A 10 0.84 -1.55 0.07
CA GLY A 10 0.32 -2.88 -0.21
C GLY A 10 0.38 -3.79 1.00
N ARG A 11 1.32 -3.51 1.90
CA ARG A 11 1.48 -4.32 3.11
C ARG A 11 1.46 -3.43 4.35
N ARG A 1 -3.36 -0.04 6.39
CA ARG A 1 -2.44 0.55 5.42
C ARG A 1 -1.73 -0.53 4.61
N LEU A 2 -2.46 -1.60 4.30
CA LEU A 2 -1.90 -2.70 3.53
C LEU A 2 -2.46 -2.71 2.10
N TYR A 3 -2.38 -1.56 1.44
CA TYR A 3 -2.88 -1.43 0.08
C TYR A 3 -1.93 -0.58 -0.77
N ARG A 4 -1.33 -1.20 -1.78
CA ARG A 4 -0.41 -0.50 -2.66
C ARG A 4 -1.16 0.40 -3.63
N ARG A 5 -2.15 1.11 -3.12
CA ARG A 5 -2.95 2.02 -3.93
C ARG A 5 -2.16 3.28 -4.28
N ARG A 6 -1.53 3.87 -3.28
CA ARG A 6 -0.74 5.08 -3.47
C ARG A 6 0.65 4.74 -3.98
N PHE A 7 1.40 3.97 -3.20
CA PHE A 7 2.75 3.58 -3.58
C PHE A 7 2.97 2.09 -3.34
N VAL A 8 3.25 1.73 -2.09
CA VAL A 8 3.48 0.34 -1.73
C VAL A 8 2.71 -0.04 -0.47
N VAL A 9 1.84 0.88 -0.03
CA VAL A 9 1.03 0.63 1.16
C VAL A 9 0.46 -0.78 1.16
N GLY A 10 0.67 -1.51 0.07
CA GLY A 10 0.18 -2.86 -0.04
C GLY A 10 0.27 -3.62 1.27
N ARG A 11 1.21 -3.21 2.12
CA ARG A 11 1.40 -3.86 3.41
C ARG A 11 1.38 -2.85 4.54
N ARG A 1 -3.90 -0.30 6.14
CA ARG A 1 -2.93 0.37 5.28
C ARG A 1 -2.09 -0.64 4.50
N LEU A 2 -2.72 -1.72 4.07
CA LEU A 2 -2.04 -2.77 3.31
C LEU A 2 -2.46 -2.74 1.84
N TYR A 3 -2.38 -1.56 1.24
CA TYR A 3 -2.75 -1.39 -0.16
C TYR A 3 -1.76 -0.46 -0.87
N ARG A 4 -1.04 -1.00 -1.85
CA ARG A 4 -0.07 -0.22 -2.61
C ARG A 4 -0.78 0.70 -3.61
N ARG A 5 -1.85 1.33 -3.17
CA ARG A 5 -2.61 2.23 -4.02
C ARG A 5 -1.86 3.55 -4.24
N ARG A 6 -1.35 4.11 -3.15
CA ARG A 6 -0.62 5.38 -3.21
C ARG A 6 0.84 5.13 -3.60
N PHE A 7 1.54 4.36 -2.79
CA PHE A 7 2.94 4.05 -3.05
C PHE A 7 3.21 2.56 -2.85
N VAL A 8 3.39 2.16 -1.59
CA VAL A 8 3.66 0.76 -1.27
C VAL A 8 2.78 0.29 -0.11
N VAL A 9 1.84 1.14 0.28
CA VAL A 9 0.93 0.81 1.38
C VAL A 9 0.43 -0.63 1.26
N GLY A 10 0.79 -1.29 0.18
CA GLY A 10 0.37 -2.66 -0.04
C GLY A 10 0.38 -3.47 1.25
N ARG A 11 1.21 -3.07 2.19
CA ARG A 11 1.31 -3.76 3.47
C ARG A 11 1.13 -2.80 4.64
N ARG A 1 -3.32 -1.09 6.59
CA ARG A 1 -2.37 -0.34 5.77
C ARG A 1 -1.60 -1.28 4.85
N LEU A 2 -2.29 -2.31 4.35
CA LEU A 2 -1.68 -3.28 3.46
C LEU A 2 -2.15 -3.07 2.02
N TYR A 3 -2.05 -1.84 1.53
CA TYR A 3 -2.47 -1.51 0.18
C TYR A 3 -1.47 -0.56 -0.48
N ARG A 4 -0.85 -1.03 -1.56
CA ARG A 4 0.13 -0.22 -2.29
C ARG A 4 -0.57 0.86 -3.11
N ARG A 5 -1.60 1.47 -2.53
CA ARG A 5 -2.34 2.52 -3.22
C ARG A 5 -1.51 3.80 -3.33
N ARG A 6 -0.90 4.20 -2.22
CA ARG A 6 -0.08 5.40 -2.20
C ARG A 6 1.31 5.12 -2.75
N PHE A 7 2.04 4.22 -2.09
CA PHE A 7 3.38 3.85 -2.50
C PHE A 7 3.58 2.34 -2.47
N VAL A 8 3.81 1.80 -1.27
CA VAL A 8 4.01 0.37 -1.10
C VAL A 8 3.18 -0.18 0.05
N VAL A 9 2.31 0.68 0.60
CA VAL A 9 1.45 0.29 1.71
C VAL A 9 0.84 -1.09 1.47
N GLY A 10 1.10 -1.65 0.30
CA GLY A 10 0.57 -2.96 -0.03
C GLY A 10 0.58 -3.91 1.15
N ARG A 11 1.48 -3.66 2.09
CA ARG A 11 1.59 -4.49 3.28
C ARG A 11 1.54 -3.64 4.55
N ARG A 1 -3.27 -0.60 6.47
CA ARG A 1 -2.36 0.05 5.54
C ARG A 1 -1.66 -0.98 4.66
N LEU A 2 -2.40 -2.01 4.27
CA LEU A 2 -1.86 -3.06 3.42
C LEU A 2 -2.41 -2.96 1.99
N TYR A 3 -2.31 -1.77 1.42
CA TYR A 3 -2.81 -1.53 0.07
C TYR A 3 -1.85 -0.64 -0.71
N ARG A 4 -1.27 -1.19 -1.77
CA ARG A 4 -0.33 -0.43 -2.59
C ARG A 4 -1.07 0.55 -3.50
N ARG A 5 -2.05 1.24 -2.93
CA ARG A 5 -2.85 2.20 -3.68
C ARG A 5 -2.04 3.48 -3.93
N ARG A 6 -1.41 3.98 -2.89
CA ARG A 6 -0.61 5.20 -2.99
C ARG A 6 0.79 4.89 -3.53
N PHE A 7 1.53 4.06 -2.80
CA PHE A 7 2.88 3.68 -3.21
C PHE A 7 3.08 2.17 -3.08
N VAL A 8 3.35 1.73 -1.86
CA VAL A 8 3.57 0.31 -1.59
C VAL A 8 2.79 -0.15 -0.37
N VAL A 9 1.93 0.72 0.14
CA VAL A 9 1.11 0.41 1.31
C VAL A 9 0.52 -0.99 1.20
N GLY A 10 0.74 -1.63 0.06
CA GLY A 10 0.23 -2.97 -0.14
C GLY A 10 0.31 -3.82 1.10
N ARG A 11 1.26 -3.50 1.98
CA ARG A 11 1.44 -4.24 3.22
C ARG A 11 1.42 -3.31 4.42
N ARG A 1 -3.90 -0.69 6.13
CA ARG A 1 -2.86 0.00 5.38
C ARG A 1 -2.04 -1.00 4.56
N LEU A 2 -2.70 -2.06 4.09
CA LEU A 2 -2.04 -3.08 3.29
C LEU A 2 -2.46 -2.99 1.83
N TYR A 3 -2.37 -1.79 1.27
CA TYR A 3 -2.74 -1.57 -0.12
C TYR A 3 -1.77 -0.63 -0.81
N ARG A 4 -1.05 -1.15 -1.81
CA ARG A 4 -0.08 -0.36 -2.54
C ARG A 4 -0.78 0.60 -3.51
N ARG A 5 -1.84 1.24 -3.03
CA ARG A 5 -2.59 2.19 -3.85
C ARG A 5 -1.81 3.50 -4.02
N ARG A 6 -1.30 4.02 -2.92
CA ARG A 6 -0.54 5.26 -2.95
C ARG A 6 0.91 5.00 -3.37
N PHE A 7 1.61 4.20 -2.58
CA PHE A 7 3.00 3.87 -2.87
C PHE A 7 3.25 2.37 -2.72
N VAL A 8 3.43 1.92 -1.48
CA VAL A 8 3.69 0.52 -1.21
C VAL A 8 2.81 0.02 -0.07
N VAL A 9 1.89 0.86 0.38
CA VAL A 9 0.98 0.51 1.47
C VAL A 9 0.45 -0.92 1.31
N GLY A 10 0.79 -1.54 0.18
CA GLY A 10 0.34 -2.89 -0.07
C GLY A 10 0.35 -3.75 1.17
N ARG A 11 1.20 -3.40 2.13
CA ARG A 11 1.30 -4.14 3.38
C ARG A 11 1.14 -3.21 4.59
N ARG A 1 -3.32 0.07 6.33
CA ARG A 1 -2.38 0.63 5.36
C ARG A 1 -1.67 -0.48 4.59
N LEU A 2 -2.40 -1.54 4.28
CA LEU A 2 -1.83 -2.67 3.54
C LEU A 2 -2.36 -2.69 2.10
N TYR A 3 -2.25 -1.56 1.42
CA TYR A 3 -2.71 -1.46 0.04
C TYR A 3 -1.74 -0.63 -0.79
N ARG A 4 -1.12 -1.27 -1.78
CA ARG A 4 -0.17 -0.61 -2.66
C ARG A 4 -0.89 0.29 -3.66
N ARG A 5 -1.89 1.03 -3.18
CA ARG A 5 -2.66 1.92 -4.03
C ARG A 5 -1.85 3.17 -4.39
N ARG A 6 -1.23 3.76 -3.37
CA ARG A 6 -0.43 4.97 -3.57
C ARG A 6 0.98 4.61 -4.05
N PHE A 7 1.70 3.85 -3.24
CA PHE A 7 3.06 3.43 -3.58
C PHE A 7 3.26 1.94 -3.30
N VAL A 8 3.50 1.61 -2.04
CA VAL A 8 3.71 0.22 -1.64
C VAL A 8 2.89 -0.12 -0.40
N VAL A 9 2.03 0.80 0.01
CA VAL A 9 1.19 0.60 1.18
C VAL A 9 0.60 -0.81 1.19
N GLY A 10 0.84 -1.56 0.12
CA GLY A 10 0.32 -2.91 0.02
C GLY A 10 0.37 -3.64 1.35
N ARG A 11 1.30 -3.23 2.22
CA ARG A 11 1.46 -3.87 3.52
C ARG A 11 1.42 -2.82 4.63
N ARG A 1 -3.51 -0.45 6.21
CA ARG A 1 -2.54 0.18 5.32
C ARG A 1 -1.77 -0.89 4.54
N LEU A 2 -2.46 -1.95 4.14
CA LEU A 2 -1.83 -3.03 3.39
C LEU A 2 -2.29 -3.01 1.93
N TYR A 3 -2.17 -1.84 1.31
CA TYR A 3 -2.56 -1.69 -0.09
C TYR A 3 -1.57 -0.80 -0.84
N ARG A 4 -0.89 -1.39 -1.83
CA ARG A 4 0.09 -0.67 -2.62
C ARG A 4 -0.60 0.26 -3.62
N ARG A 5 -1.62 0.96 -3.15
CA ARG A 5 -2.37 1.88 -4.01
C ARG A 5 -1.57 3.16 -4.26
N ARG A 6 -1.02 3.72 -3.19
CA ARG A 6 -0.24 4.94 -3.29
C ARG A 6 1.20 4.64 -3.72
N PHE A 7 1.89 3.85 -2.90
CA PHE A 7 3.27 3.48 -3.20
C PHE A 7 3.49 1.99 -2.97
N VAL A 8 3.68 1.59 -1.72
CA VAL A 8 3.90 0.19 -1.37
C VAL A 8 3.03 -0.22 -0.19
N VAL A 9 2.13 0.67 0.21
CA VAL A 9 1.23 0.39 1.33
C VAL A 9 0.67 -1.03 1.25
N GLY A 10 0.98 -1.72 0.16
CA GLY A 10 0.50 -3.08 -0.03
C GLY A 10 0.50 -3.87 1.27
N ARG A 11 1.38 -3.49 2.19
CA ARG A 11 1.48 -4.17 3.47
C ARG A 11 1.36 -3.18 4.63
N ARG A 1 -3.85 -0.35 6.18
CA ARG A 1 -2.90 0.31 5.30
C ARG A 1 -2.05 -0.71 4.55
N LEU A 2 -2.69 -1.81 4.14
CA LEU A 2 -2.00 -2.86 3.41
C LEU A 2 -2.41 -2.87 1.94
N TYR A 3 -2.34 -1.70 1.31
CA TYR A 3 -2.70 -1.56 -0.09
C TYR A 3 -1.73 -0.65 -0.83
N ARG A 4 -1.00 -1.21 -1.79
CA ARG A 4 -0.03 -0.44 -2.56
C ARG A 4 -0.74 0.44 -3.59
N ARG A 5 -1.82 1.09 -3.16
CA ARG A 5 -2.58 1.97 -4.04
C ARG A 5 -1.84 3.28 -4.28
N ARG A 6 -1.35 3.88 -3.19
CA ARG A 6 -0.61 5.14 -3.30
C ARG A 6 0.84 4.89 -3.68
N PHE A 7 1.55 4.14 -2.85
CA PHE A 7 2.96 3.84 -3.10
C PHE A 7 3.24 2.35 -2.87
N VAL A 8 3.41 1.98 -1.60
CA VAL A 8 3.69 0.60 -1.24
C VAL A 8 2.81 0.14 -0.07
N VAL A 9 1.86 0.99 0.30
CA VAL A 9 0.96 0.69 1.40
C VAL A 9 0.46 -0.76 1.32
N GLY A 10 0.83 -1.44 0.24
CA GLY A 10 0.41 -2.82 0.06
C GLY A 10 0.43 -3.61 1.36
N ARG A 11 1.26 -3.17 2.30
CA ARG A 11 1.37 -3.84 3.59
C ARG A 11 1.17 -2.85 4.73
N ARG A 1 -3.45 -0.17 6.33
CA ARG A 1 -2.50 0.42 5.40
C ARG A 1 -1.72 -0.66 4.65
N LEU A 2 -2.40 -1.75 4.35
CA LEU A 2 -1.77 -2.87 3.62
C LEU A 2 -2.24 -2.91 2.18
N TYR A 3 -2.12 -1.79 1.49
CA TYR A 3 -2.53 -1.70 0.09
C TYR A 3 -1.55 -0.86 -0.71
N ARG A 4 -0.92 -1.49 -1.70
CA ARG A 4 0.05 -0.80 -2.54
C ARG A 4 -0.65 0.13 -3.52
N ARG A 5 -1.72 0.78 -3.06
CA ARG A 5 -2.47 1.71 -3.89
C ARG A 5 -1.64 2.95 -4.22
N ARG A 6 -1.01 3.51 -3.20
CA ARG A 6 -0.19 4.70 -3.38
C ARG A 6 1.20 4.33 -3.87
N PHE A 7 1.94 3.56 -3.07
CA PHE A 7 3.28 3.14 -3.43
C PHE A 7 3.48 1.65 -3.13
N VAL A 8 3.72 1.35 -1.86
CA VAL A 8 3.93 -0.03 -1.44
C VAL A 8 3.08 -0.38 -0.22
N VAL A 9 2.22 0.56 0.17
CA VAL A 9 1.36 0.36 1.33
C VAL A 9 0.74 -1.04 1.32
N GLY A 10 1.01 -1.79 0.26
CA GLY A 10 0.48 -3.13 0.15
C GLY A 10 0.49 -3.87 1.48
N ARG A 11 1.40 -3.47 2.37
CA ARG A 11 1.51 -4.10 3.68
C ARG A 11 1.44 -3.05 4.79
#